data_8W28
#
_entry.id   8W28
#
loop_
_entity.id
_entity.type
_entity.pdbx_description
1 polymer 'Maltose/maltodextrin-binding periplasmic protein,Poly [ADP-ribose] polymerase tankyrase-2'
2 non-polymer 2-[4-(trifluoromethyl)phenyl]-7,8-dihydro-5H-thiopyrano[4,3-d]pyrimidin-4-ol
3 non-polymer 'ZINC ION'
4 water water
#
_entity_poly.entity_id   1
_entity_poly.type   'polypeptide(L)'
_entity_poly.pdbx_seq_one_letter_code
;MSAWSHPQFEKGGGSGGGSGGSAWSHPQFEKTGSMGIEEGKLVIWINGDKGYNGLAEVGKKFEKDTGIKVTVEHPDKLEE
KFPQVAATGDGPDIIFWAHDRFGGYAQSGLLAEITPDKAFQDKLYPFTWDAVRYNGKLIAYPIAVEALSLIYNKDLLPNP
PKTWEEIPALDKELKAKGKSALMFNLQEPYFTWPLIAADGGYAFKYENGKYDIKDVGVDNAGAKAGLTFLVDLIKNKHMN
ADTDYSIAEAAFNKGETAMTINGPWAWSNIDTSKVNYGVTVLPTFKGQPSKPFVGVLSAGINAASPNKELAKEFLENYLL
TDEGLEAVNKDKPLGAVALKSYEEELAKDPRIAATMENAQKGEIMPNIPQMSAFWYAVRTAVINAASGRQTVDEALKDAQ
TELELEVLFQGPELSSVVSSSGTEGASSLEKKEVPGVDFSITQFVRNLGLEHLMDIFEREQITLDVLVEMGHKELKEIGI
NAYGHRHKLIKGVERLISGQQGLNPYLTLNTSGSGTILIDLSPDDKEFQSVEEEMQSTVREHRDGGHAGGIFNRYNILKI
QKVCNKKLWERYTHRRKEVSEENHNHANERMLFHGSPFVNAIIHKGFDERHAYIGGMFGAGIYFAENSSKSNQYVYGIGG
GTGCPVHKDRSCYICHRQLLFCRVTLGKSFLQFSAMKMAHSPPGHHSVTGRPSVNGLALAEYVIYRGEQAYPEYLITYQI
MRPEGMVDG
;
_entity_poly.pdbx_strand_id   D,Q
#
# COMPACT_ATOMS: atom_id res chain seq x y z
N ASP A 438 -38.65 12.76 -13.53
CA ASP A 438 -38.14 13.79 -14.44
C ASP A 438 -38.70 15.17 -14.09
N PHE A 439 -39.36 15.25 -12.94
CA PHE A 439 -40.01 16.51 -12.56
C PHE A 439 -38.98 17.54 -12.10
N SER A 440 -37.99 17.11 -11.32
CA SER A 440 -37.03 18.06 -10.76
C SER A 440 -36.37 18.89 -11.85
N ILE A 441 -35.88 18.22 -12.91
CA ILE A 441 -35.26 18.95 -14.01
C ILE A 441 -36.27 19.84 -14.70
N THR A 442 -37.52 19.41 -14.78
CA THR A 442 -38.55 20.25 -15.38
C THR A 442 -38.71 21.57 -14.61
N GLN A 443 -38.77 21.48 -13.28
CA GLN A 443 -38.88 22.71 -12.49
C GLN A 443 -37.62 23.56 -12.63
N PHE A 444 -36.45 22.91 -12.61
CA PHE A 444 -35.19 23.64 -12.75
C PHE A 444 -35.17 24.42 -14.06
N VAL A 445 -35.59 23.78 -15.15
CA VAL A 445 -35.56 24.43 -16.46
C VAL A 445 -36.62 25.52 -16.53
N ARG A 446 -37.81 25.26 -15.99
CA ARG A 446 -38.89 26.25 -16.05
C ARG A 446 -38.52 27.50 -15.28
N ASN A 447 -37.94 27.35 -14.09
CA ASN A 447 -37.51 28.51 -13.32
C ASN A 447 -36.53 29.38 -14.10
N LEU A 448 -35.80 28.80 -15.05
CA LEU A 448 -34.88 29.55 -15.89
C LEU A 448 -35.55 30.14 -17.13
N GLY A 449 -36.83 29.89 -17.34
CA GLY A 449 -37.47 30.31 -18.57
C GLY A 449 -36.93 29.63 -19.81
N LEU A 450 -36.54 28.37 -19.69
CA LEU A 450 -35.98 27.59 -20.78
C LEU A 450 -36.84 26.36 -21.08
N GLU A 451 -38.14 26.44 -20.77
CA GLU A 451 -39.02 25.30 -20.93
C GLU A 451 -38.98 24.73 -22.35
N HIS A 452 -38.73 25.58 -23.35
CA HIS A 452 -38.76 25.11 -24.74
C HIS A 452 -37.66 24.11 -25.05
N LEU A 453 -36.65 23.95 -24.18
CA LEU A 453 -35.61 22.95 -24.35
C LEU A 453 -35.96 21.61 -23.72
N MET A 454 -37.13 21.51 -23.07
CA MET A 454 -37.50 20.27 -22.41
C MET A 454 -37.70 19.14 -23.41
N ASP A 455 -38.06 19.45 -24.65
CA ASP A 455 -38.14 18.38 -25.66
C ASP A 455 -36.78 17.73 -25.86
N ILE A 456 -35.74 18.55 -26.00
CA ILE A 456 -34.38 18.01 -26.11
C ILE A 456 -34.03 17.21 -24.86
N PHE A 457 -34.28 17.79 -23.68
CA PHE A 457 -33.89 17.12 -22.45
C PHE A 457 -34.60 15.77 -22.30
N GLU A 458 -35.89 15.72 -22.64
CA GLU A 458 -36.64 14.48 -22.54
C GLU A 458 -36.14 13.44 -23.54
N ARG A 459 -35.88 13.86 -24.78
CA ARG A 459 -35.42 12.90 -25.78
C ARG A 459 -34.09 12.27 -25.36
N GLU A 460 -33.16 13.07 -24.86
CA GLU A 460 -31.86 12.56 -24.45
C GLU A 460 -31.87 11.95 -23.05
N GLN A 461 -33.02 11.95 -22.37
CA GLN A 461 -33.13 11.40 -21.02
C GLN A 461 -32.20 12.15 -20.06
N ILE A 462 -32.21 13.48 -20.15
CA ILE A 462 -31.38 14.33 -19.31
C ILE A 462 -32.17 14.60 -18.03
N THR A 463 -31.80 13.92 -16.96
CA THR A 463 -32.32 14.23 -15.63
C THR A 463 -31.41 15.23 -14.94
N LEU A 464 -31.87 15.74 -13.79
CA LEU A 464 -31.12 16.78 -13.09
C LEU A 464 -29.74 16.29 -12.68
N ASP A 465 -29.65 15.04 -12.21
CA ASP A 465 -28.36 14.48 -11.81
C ASP A 465 -27.37 14.48 -12.98
N VAL A 466 -27.85 14.14 -14.18
CA VAL A 466 -26.99 14.21 -15.36
C VAL A 466 -26.67 15.65 -15.71
N LEU A 467 -27.69 16.51 -15.67
CA LEU A 467 -27.50 17.90 -16.11
C LEU A 467 -26.46 18.62 -15.27
N VAL A 468 -26.43 18.35 -13.96
CA VAL A 468 -25.49 19.04 -13.09
C VAL A 468 -24.04 18.68 -13.39
N GLU A 469 -23.78 17.73 -14.29
CA GLU A 469 -22.44 17.30 -14.64
C GLU A 469 -22.07 17.66 -16.08
N MET A 470 -22.78 18.59 -16.70
CA MET A 470 -22.60 18.91 -18.11
C MET A 470 -22.14 20.35 -18.27
N GLY A 471 -21.06 20.53 -19.04
CA GLY A 471 -20.54 21.85 -19.36
C GLY A 471 -20.96 22.32 -20.74
N HIS A 472 -20.25 23.31 -21.25
CA HIS A 472 -20.57 23.85 -22.57
C HIS A 472 -20.44 22.79 -23.65
N LYS A 473 -19.38 22.00 -23.60
CA LYS A 473 -19.15 21.00 -24.65
C LYS A 473 -20.27 19.97 -24.67
N GLU A 474 -20.60 19.40 -23.52
CA GLU A 474 -21.63 18.38 -23.48
C GLU A 474 -22.98 18.94 -23.91
N LEU A 475 -23.33 20.14 -23.43
CA LEU A 475 -24.61 20.73 -23.80
C LEU A 475 -24.67 21.02 -25.29
N LYS A 476 -23.56 21.46 -25.88
CA LYS A 476 -23.51 21.61 -27.33
C LYS A 476 -23.69 20.26 -28.02
N GLU A 477 -23.14 19.20 -27.43
CA GLU A 477 -23.18 17.89 -28.08
C GLU A 477 -24.60 17.36 -28.22
N ILE A 478 -25.51 17.77 -27.32
CA ILE A 478 -26.89 17.30 -27.38
C ILE A 478 -27.81 18.31 -28.06
N GLY A 479 -27.26 19.39 -28.59
CA GLY A 479 -28.02 20.30 -29.42
C GLY A 479 -28.44 21.62 -28.79
N ILE A 480 -27.85 22.00 -27.65
CA ILE A 480 -28.07 23.34 -27.12
C ILE A 480 -27.08 24.26 -27.80
N ASN A 481 -27.47 24.78 -28.97
CA ASN A 481 -26.53 25.48 -29.85
C ASN A 481 -26.24 26.90 -29.38
N ALA A 482 -27.19 27.56 -28.72
CA ALA A 482 -27.03 28.95 -28.33
C ALA A 482 -26.17 29.05 -27.07
N TYR A 483 -25.17 29.93 -27.10
CA TYR A 483 -24.31 30.09 -25.93
C TYR A 483 -25.10 30.61 -24.73
N GLY A 484 -26.10 31.46 -24.97
CA GLY A 484 -26.84 32.02 -23.87
C GLY A 484 -27.58 30.98 -23.04
N HIS A 485 -28.21 30.02 -23.72
CA HIS A 485 -28.94 28.97 -23.00
C HIS A 485 -27.98 28.12 -22.16
N ARG A 486 -26.84 27.74 -22.75
CA ARG A 486 -25.85 26.97 -22.01
C ARG A 486 -25.34 27.75 -20.80
N HIS A 487 -25.11 29.05 -20.98
CA HIS A 487 -24.65 29.88 -19.87
C HIS A 487 -25.67 29.91 -18.75
N LYS A 488 -26.95 30.11 -19.10
CA LYS A 488 -27.99 30.14 -18.07
C LYS A 488 -28.07 28.81 -17.34
N LEU A 489 -28.00 27.70 -18.08
CA LEU A 489 -28.08 26.39 -17.44
C LEU A 489 -26.91 26.15 -16.49
N ILE A 490 -25.70 26.48 -16.94
CA ILE A 490 -24.52 26.22 -16.12
C ILE A 490 -24.53 27.12 -14.87
N LYS A 491 -24.94 28.38 -15.04
CA LYS A 491 -25.06 29.27 -13.88
C LYS A 491 -26.11 28.77 -12.89
N GLY A 492 -27.25 28.30 -13.39
CA GLY A 492 -28.25 27.74 -12.50
C GLY A 492 -27.73 26.53 -11.74
N VAL A 493 -27.00 25.65 -12.42
CA VAL A 493 -26.40 24.50 -11.75
C VAL A 493 -25.44 24.96 -10.67
N GLU A 494 -24.63 25.97 -10.98
CA GLU A 494 -23.71 26.51 -9.98
C GLU A 494 -24.47 27.03 -8.77
N ARG A 495 -25.55 27.78 -9.01
CA ARG A 495 -26.32 28.35 -7.92
C ARG A 495 -26.93 27.24 -7.04
N LEU A 496 -27.40 26.17 -7.66
CA LEU A 496 -27.99 25.08 -6.89
C LEU A 496 -26.93 24.33 -6.09
N ILE A 497 -25.83 23.95 -6.74
CA ILE A 497 -24.86 23.06 -6.11
C ILE A 497 -23.98 23.82 -5.13
N SER A 498 -23.38 24.93 -5.56
CA SER A 498 -22.51 25.69 -4.68
C SER A 498 -23.31 26.61 -3.75
N GLY A 499 -24.25 27.38 -4.32
CA GLY A 499 -24.98 28.37 -3.55
C GLY A 499 -25.84 27.78 -2.45
N GLN A 500 -26.20 26.51 -2.54
CA GLN A 500 -27.04 25.83 -1.56
C GLN A 500 -26.31 24.61 -1.01
N GLN A 501 -24.99 24.73 -0.87
CA GLN A 501 -24.18 23.59 -0.44
C GLN A 501 -24.60 23.11 0.94
N GLY A 502 -25.01 24.02 1.82
CA GLY A 502 -25.41 23.63 3.16
C GLY A 502 -26.53 22.59 3.16
N LEU A 503 -27.40 22.63 2.16
CA LEU A 503 -28.44 21.62 2.03
C LEU A 503 -27.93 20.33 1.42
N ASN A 504 -26.68 20.31 0.94
CA ASN A 504 -26.09 19.13 0.31
C ASN A 504 -26.98 18.55 -0.79
N PRO A 505 -27.48 19.37 -1.72
CA PRO A 505 -28.31 18.82 -2.81
C PRO A 505 -27.55 17.86 -3.70
N TYR A 506 -26.22 17.98 -3.77
CA TYR A 506 -25.44 17.07 -4.60
C TYR A 506 -25.57 15.63 -4.12
N LEU A 507 -25.52 15.42 -2.81
CA LEU A 507 -25.56 14.06 -2.27
C LEU A 507 -26.89 13.39 -2.61
N THR A 508 -28.00 14.10 -2.46
CA THR A 508 -29.30 13.53 -2.79
C THR A 508 -29.45 13.32 -4.30
N LEU A 509 -28.66 14.02 -5.12
CA LEU A 509 -28.69 13.84 -6.56
C LEU A 509 -27.71 12.78 -7.05
N ASN A 510 -26.83 12.28 -6.19
CA ASN A 510 -25.76 11.36 -6.59
C ASN A 510 -25.93 9.98 -5.97
N THR A 511 -27.16 9.61 -5.61
CA THR A 511 -27.40 8.29 -5.06
C THR A 511 -27.40 7.20 -6.13
N SER A 512 -27.63 7.57 -7.39
CA SER A 512 -27.66 6.58 -8.47
C SER A 512 -26.25 6.09 -8.79
N GLY A 513 -26.15 4.81 -9.14
CA GLY A 513 -24.89 4.20 -9.49
C GLY A 513 -24.09 3.65 -8.33
N SER A 514 -24.50 3.97 -7.10
CA SER A 514 -23.80 3.47 -5.92
C SER A 514 -24.20 2.01 -5.69
N GLY A 515 -23.86 1.48 -4.53
CA GLY A 515 -24.10 0.09 -4.21
C GLY A 515 -22.93 -0.80 -4.57
N THR A 516 -23.04 -2.05 -4.17
CA THR A 516 -21.99 -3.04 -4.38
C THR A 516 -22.25 -3.83 -5.65
N ILE A 517 -21.17 -4.18 -6.34
CA ILE A 517 -21.20 -5.09 -7.47
C ILE A 517 -20.18 -6.17 -7.24
N LEU A 518 -20.50 -7.39 -7.66
CA LEU A 518 -19.63 -8.54 -7.51
C LEU A 518 -19.08 -8.94 -8.87
N ILE A 519 -17.76 -9.07 -8.95
CA ILE A 519 -17.07 -9.42 -10.19
C ILE A 519 -16.47 -10.80 -10.01
N ASP A 520 -16.89 -11.75 -10.85
CA ASP A 520 -16.37 -13.10 -10.77
C ASP A 520 -14.91 -13.13 -11.23
N LEU A 521 -14.12 -13.97 -10.57
CA LEU A 521 -12.76 -14.25 -10.99
C LEU A 521 -12.76 -15.52 -11.83
N SER A 522 -12.06 -15.50 -12.95
CA SER A 522 -11.99 -16.68 -13.80
C SER A 522 -11.16 -17.76 -13.11
N PRO A 523 -11.62 -19.01 -13.08
CA PRO A 523 -10.83 -20.06 -12.41
C PRO A 523 -9.44 -20.23 -12.99
N ASP A 524 -9.21 -19.81 -14.23
CA ASP A 524 -7.88 -19.93 -14.83
C ASP A 524 -6.99 -18.75 -14.47
N ASP A 525 -7.58 -17.59 -14.14
CA ASP A 525 -6.77 -16.43 -13.78
C ASP A 525 -5.95 -16.73 -12.54
N LYS A 526 -4.72 -16.20 -12.51
CA LYS A 526 -3.81 -16.51 -11.42
C LYS A 526 -4.21 -15.84 -10.11
N GLU A 527 -5.05 -14.80 -10.15
CA GLU A 527 -5.55 -14.22 -8.92
C GLU A 527 -6.53 -15.18 -8.25
N PHE A 528 -7.42 -15.79 -9.04
CA PHE A 528 -8.28 -16.84 -8.52
C PHE A 528 -7.45 -17.95 -7.88
N GLN A 529 -6.41 -18.41 -8.58
CA GLN A 529 -5.60 -19.51 -8.06
C GLN A 529 -4.86 -19.10 -6.80
N SER A 530 -4.39 -17.85 -6.74
CA SER A 530 -3.71 -17.39 -5.53
C SER A 530 -4.65 -17.36 -4.34
N VAL A 531 -5.87 -16.86 -4.53
CA VAL A 531 -6.85 -16.86 -3.44
C VAL A 531 -7.19 -18.28 -3.03
N GLU A 532 -7.34 -19.17 -4.01
CA GLU A 532 -7.63 -20.58 -3.71
C GLU A 532 -6.49 -21.21 -2.93
N GLU A 533 -5.25 -20.92 -3.31
CA GLU A 533 -4.11 -21.48 -2.58
C GLU A 533 -4.06 -20.96 -1.16
N GLU A 534 -4.34 -19.67 -0.95
CA GLU A 534 -4.46 -19.14 0.41
C GLU A 534 -5.54 -19.90 1.18
N MET A 535 -6.70 -20.07 0.56
CA MET A 535 -7.82 -20.74 1.21
C MET A 535 -7.46 -22.16 1.62
N GLN A 536 -6.88 -22.92 0.69
CA GLN A 536 -6.63 -24.34 0.94
C GLN A 536 -5.44 -24.57 1.87
N SER A 537 -4.35 -23.82 1.69
CA SER A 537 -3.09 -24.14 2.36
C SER A 537 -3.06 -23.76 3.83
N THR A 538 -3.99 -22.92 4.30
CA THR A 538 -4.02 -22.50 5.69
C THR A 538 -4.94 -23.36 6.54
N VAL A 539 -5.56 -24.40 5.97
CA VAL A 539 -6.41 -25.29 6.75
C VAL A 539 -5.61 -25.95 7.85
N ARG A 540 -6.20 -26.02 9.04
CA ARG A 540 -5.58 -26.67 10.19
C ARG A 540 -6.58 -27.58 10.86
N GLU A 541 -6.06 -28.50 11.67
CA GLU A 541 -6.90 -29.38 12.48
C GLU A 541 -7.13 -28.71 13.83
N HIS A 542 -8.39 -28.39 14.12
CA HIS A 542 -8.73 -27.66 15.33
C HIS A 542 -8.74 -28.59 16.54
N ARG A 543 -8.61 -27.99 17.72
CA ARG A 543 -8.56 -28.78 18.95
C ARG A 543 -9.82 -29.61 19.13
N ASP A 544 -10.99 -29.01 18.89
CA ASP A 544 -12.22 -29.78 18.84
C ASP A 544 -12.23 -30.67 17.61
N GLY A 545 -12.86 -31.84 17.73
CA GLY A 545 -12.86 -32.79 16.64
C GLY A 545 -13.80 -32.40 15.52
N GLY A 546 -13.60 -31.22 14.94
CA GLY A 546 -14.45 -30.75 13.87
C GLY A 546 -15.83 -30.32 14.31
N HIS A 547 -16.05 -30.17 15.62
CA HIS A 547 -17.40 -29.91 16.12
C HIS A 547 -17.94 -28.58 15.61
N ALA A 548 -17.13 -27.51 15.72
CA ALA A 548 -17.64 -26.18 15.40
C ALA A 548 -17.91 -26.01 13.91
N GLY A 549 -16.94 -26.37 13.07
CA GLY A 549 -17.04 -26.07 11.65
C GLY A 549 -17.14 -27.30 10.76
N GLY A 550 -17.25 -28.47 11.36
CA GLY A 550 -17.33 -29.71 10.61
C GLY A 550 -15.97 -30.35 10.40
N ILE A 551 -16.01 -31.55 9.83
CA ILE A 551 -14.82 -32.36 9.59
C ILE A 551 -14.45 -32.24 8.12
N PHE A 552 -13.17 -31.96 7.86
CA PHE A 552 -12.70 -31.80 6.49
C PHE A 552 -11.20 -31.61 6.52
N ASN A 553 -10.58 -31.73 5.35
CA ASN A 553 -9.18 -31.39 5.14
C ASN A 553 -8.97 -30.32 4.08
N ARG A 554 -9.83 -30.27 3.06
CA ARG A 554 -9.74 -29.31 1.98
C ARG A 554 -11.12 -28.73 1.70
N TYR A 555 -11.18 -27.83 0.73
CA TYR A 555 -12.43 -27.27 0.26
C TYR A 555 -12.62 -27.58 -1.22
N ASN A 556 -13.86 -27.47 -1.66
CA ASN A 556 -14.21 -27.45 -3.08
C ASN A 556 -14.68 -26.04 -3.38
N ILE A 557 -13.81 -25.25 -4.01
CA ILE A 557 -14.11 -23.84 -4.28
C ILE A 557 -15.07 -23.76 -5.46
N LEU A 558 -16.18 -23.05 -5.27
CA LEU A 558 -17.20 -22.88 -6.28
C LEU A 558 -17.02 -21.61 -7.10
N LYS A 559 -16.78 -20.48 -6.43
CA LYS A 559 -16.52 -19.22 -7.14
C LYS A 559 -15.84 -18.25 -6.20
N ILE A 560 -15.16 -17.28 -6.79
CA ILE A 560 -14.47 -16.22 -6.05
C ILE A 560 -14.84 -14.90 -6.70
N GLN A 561 -15.36 -13.97 -5.90
CA GLN A 561 -15.88 -12.70 -6.39
C GLN A 561 -15.13 -11.53 -5.74
N LYS A 562 -14.72 -10.58 -6.56
CA LYS A 562 -14.16 -9.34 -6.06
C LYS A 562 -15.31 -8.41 -5.69
N VAL A 563 -15.29 -7.90 -4.47
CA VAL A 563 -16.34 -7.03 -3.96
C VAL A 563 -15.92 -5.58 -4.20
N CYS A 564 -16.72 -4.86 -4.98
CA CYS A 564 -16.44 -3.48 -5.33
C CYS A 564 -17.57 -2.59 -4.83
N ASN A 565 -17.24 -1.71 -3.89
CA ASN A 565 -18.18 -0.71 -3.39
C ASN A 565 -17.40 0.58 -3.20
N LYS A 566 -17.74 1.60 -3.98
CA LYS A 566 -16.91 2.81 -4.05
C LYS A 566 -16.84 3.51 -2.70
N LYS A 567 -18.00 3.77 -2.08
CA LYS A 567 -18.02 4.51 -0.83
C LYS A 567 -17.29 3.77 0.27
N LEU A 568 -17.51 2.46 0.38
CA LEU A 568 -16.84 1.68 1.41
C LEU A 568 -15.33 1.67 1.20
N TRP A 569 -14.89 1.51 -0.05
CA TRP A 569 -13.47 1.53 -0.34
C TRP A 569 -12.84 2.88 0.01
N GLU A 570 -13.55 3.98 -0.30
CA GLU A 570 -13.02 5.29 0.04
C GLU A 570 -12.91 5.48 1.54
N ARG A 571 -13.91 5.02 2.30
CA ARG A 571 -13.81 5.07 3.75
C ARG A 571 -12.60 4.30 4.24
N TYR A 572 -12.40 3.09 3.70
CA TYR A 572 -11.24 2.29 4.09
C TYR A 572 -9.94 3.03 3.80
N THR A 573 -9.82 3.62 2.61
CA THR A 573 -8.58 4.30 2.24
C THR A 573 -8.33 5.53 3.11
N HIS A 574 -9.39 6.28 3.43
CA HIS A 574 -9.23 7.44 4.32
C HIS A 574 -8.68 7.01 5.67
N ARG A 575 -9.29 5.97 6.26
CA ARG A 575 -8.77 5.50 7.54
C ARG A 575 -7.37 4.93 7.42
N ARG A 576 -7.07 4.23 6.31
CA ARG A 576 -5.75 3.65 6.13
C ARG A 576 -4.68 4.73 6.06
N LYS A 577 -4.97 5.82 5.33
CA LYS A 577 -4.03 6.93 5.28
C LYS A 577 -3.86 7.56 6.66
N GLU A 578 -4.96 7.72 7.40
CA GLU A 578 -4.85 8.27 8.75
C GLU A 578 -3.94 7.41 9.61
N VAL A 579 -4.10 6.08 9.53
CA VAL A 579 -3.29 5.19 10.34
C VAL A 579 -1.83 5.21 9.89
N SER A 580 -1.59 5.36 8.58
CA SER A 580 -0.22 5.37 8.08
C SER A 580 0.50 6.67 8.42
N GLU A 581 -0.23 7.79 8.53
CA GLU A 581 0.41 9.03 8.99
C GLU A 581 0.97 8.86 10.39
N GLU A 582 0.20 8.22 11.28
CA GLU A 582 0.81 7.59 12.44
C GLU A 582 1.56 6.34 11.98
N ASN A 583 2.42 5.81 12.84
CA ASN A 583 3.15 4.58 12.50
C ASN A 583 4.03 4.77 11.26
N HIS A 584 4.74 5.88 11.20
CA HIS A 584 5.83 6.11 10.25
C HIS A 584 5.50 5.60 8.85
N ASN A 585 4.40 6.13 8.30
CA ASN A 585 4.04 5.93 6.90
C ASN A 585 3.85 4.46 6.54
N HIS A 586 3.42 3.63 7.50
CA HIS A 586 3.20 2.21 7.26
C HIS A 586 1.82 1.82 7.76
N ALA A 587 0.99 1.30 6.85
CA ALA A 587 -0.35 0.88 7.21
C ALA A 587 -0.39 -0.46 7.93
N ASN A 588 0.66 -1.27 7.81
CA ASN A 588 0.67 -2.63 8.36
C ASN A 588 -0.54 -3.41 7.86
N GLU A 589 -0.77 -3.30 6.56
CA GLU A 589 -1.92 -3.95 5.93
C GLU A 589 -1.72 -5.46 5.85
N ARG A 590 -2.82 -6.19 6.03
CA ARG A 590 -2.82 -7.65 5.90
C ARG A 590 -4.06 -8.08 5.14
N MET A 591 -4.04 -9.34 4.70
CA MET A 591 -5.21 -9.99 4.12
C MET A 591 -5.57 -11.19 4.98
N LEU A 592 -6.79 -11.19 5.52
CA LEU A 592 -7.19 -12.15 6.53
C LEU A 592 -8.62 -12.61 6.27
N PHE A 593 -9.00 -13.70 6.93
CA PHE A 593 -10.30 -14.33 6.76
C PHE A 593 -11.27 -13.87 7.84
N HIS A 594 -12.56 -13.96 7.54
CA HIS A 594 -13.61 -13.60 8.49
C HIS A 594 -14.89 -14.34 8.13
N GLY A 595 -15.40 -15.14 9.06
CA GLY A 595 -16.65 -15.86 8.89
C GLY A 595 -17.74 -15.22 9.74
N SER A 596 -18.94 -15.13 9.16
CA SER A 596 -20.06 -14.48 9.84
C SER A 596 -21.35 -14.75 9.09
N PRO A 597 -22.46 -15.03 9.79
CA PRO A 597 -23.74 -15.24 9.10
C PRO A 597 -24.34 -13.96 8.53
N PHE A 598 -23.67 -12.81 8.64
CA PHE A 598 -24.16 -11.55 8.13
C PHE A 598 -23.30 -11.01 6.99
N VAL A 599 -22.78 -11.91 6.16
CA VAL A 599 -21.85 -11.51 5.09
C VAL A 599 -22.53 -10.54 4.13
N ASN A 600 -23.81 -10.77 3.84
CA ASN A 600 -24.52 -9.85 2.94
C ASN A 600 -24.54 -8.45 3.50
N ALA A 601 -24.85 -8.31 4.79
CA ALA A 601 -24.84 -7.00 5.41
C ALA A 601 -23.44 -6.38 5.36
N ILE A 602 -22.40 -7.19 5.52
CA ILE A 602 -21.04 -6.65 5.51
C ILE A 602 -20.70 -6.12 4.11
N ILE A 603 -20.97 -6.93 3.08
CA ILE A 603 -20.58 -6.53 1.73
C ILE A 603 -21.42 -5.38 1.21
N HIS A 604 -22.64 -5.20 1.73
CA HIS A 604 -23.46 -4.08 1.27
C HIS A 604 -23.34 -2.84 2.15
N LYS A 605 -22.91 -2.97 3.40
CA LYS A 605 -22.82 -1.84 4.32
C LYS A 605 -21.45 -1.66 4.94
N GLY A 606 -20.53 -2.61 4.76
CA GLY A 606 -19.21 -2.52 5.33
C GLY A 606 -19.13 -3.13 6.71
N PHE A 607 -17.90 -3.19 7.24
CA PHE A 607 -17.71 -3.64 8.60
C PHE A 607 -18.14 -2.55 9.58
N ASP A 608 -18.78 -2.98 10.67
CA ASP A 608 -19.36 -2.05 11.64
C ASP A 608 -19.03 -2.57 13.04
N GLU A 609 -18.24 -1.81 13.79
CA GLU A 609 -17.92 -2.21 15.16
C GLU A 609 -19.14 -2.17 16.07
N ARG A 610 -20.21 -1.50 15.64
CA ARG A 610 -21.46 -1.56 16.39
C ARG A 610 -22.03 -2.97 16.43
N HIS A 611 -21.59 -3.84 15.52
CA HIS A 611 -21.94 -5.26 15.54
C HIS A 611 -20.73 -6.12 15.93
N ALA A 612 -19.90 -5.61 16.83
CA ALA A 612 -18.70 -6.32 17.23
C ALA A 612 -19.07 -7.62 17.96
N TYR A 613 -18.12 -8.55 17.96
CA TYR A 613 -18.29 -9.84 18.64
C TYR A 613 -17.97 -9.64 20.11
N ILE A 614 -19.01 -9.41 20.91
CA ILE A 614 -18.82 -9.03 22.31
C ILE A 614 -18.11 -10.14 23.08
N GLY A 615 -18.44 -11.39 22.78
CA GLY A 615 -17.87 -12.51 23.50
C GLY A 615 -16.45 -12.89 23.12
N GLY A 616 -15.81 -12.12 22.24
CA GLY A 616 -14.47 -12.46 21.82
C GLY A 616 -13.46 -12.38 22.95
N MET A 617 -12.35 -13.09 22.75
CA MET A 617 -11.33 -13.19 23.80
C MET A 617 -10.76 -11.82 24.16
N PHE A 618 -10.66 -10.91 23.20
CA PHE A 618 -10.08 -9.59 23.43
C PHE A 618 -11.13 -8.49 23.51
N GLY A 619 -12.41 -8.83 23.44
CA GLY A 619 -13.48 -7.93 23.82
C GLY A 619 -13.96 -6.96 22.76
N ALA A 620 -15.23 -7.07 22.39
CA ALA A 620 -15.95 -6.08 21.59
C ALA A 620 -15.12 -5.55 20.43
N GLY A 621 -14.73 -6.46 19.55
CA GLY A 621 -14.03 -6.11 18.33
C GLY A 621 -14.48 -6.95 17.16
N ILE A 622 -13.90 -6.66 16.00
CA ILE A 622 -14.10 -7.45 14.79
C ILE A 622 -12.89 -8.37 14.63
N TYR A 623 -13.13 -9.67 14.52
CA TYR A 623 -12.08 -10.67 14.62
C TYR A 623 -11.76 -11.25 13.25
N PHE A 624 -10.47 -11.34 12.94
CA PHE A 624 -9.99 -11.88 11.68
C PHE A 624 -8.96 -12.96 11.97
N ALA A 625 -8.92 -13.96 11.09
CA ALA A 625 -8.01 -15.08 11.21
C ALA A 625 -7.15 -15.20 9.95
N GLU A 626 -5.97 -15.79 10.11
CA GLU A 626 -5.10 -16.11 8.99
C GLU A 626 -5.25 -17.56 8.54
N ASN A 627 -5.91 -18.40 9.32
CA ASN A 627 -6.23 -19.77 8.93
C ASN A 627 -7.71 -19.80 8.55
N SER A 628 -8.00 -20.13 7.27
CA SER A 628 -9.37 -20.07 6.78
C SER A 628 -10.29 -21.00 7.58
N SER A 629 -9.76 -22.12 8.08
CA SER A 629 -10.61 -23.04 8.82
C SER A 629 -11.01 -22.50 10.18
N LYS A 630 -10.21 -21.60 10.77
CA LYS A 630 -10.63 -20.94 12.00
C LYS A 630 -11.85 -20.06 11.75
N SER A 631 -11.85 -19.29 10.66
CA SER A 631 -13.00 -18.46 10.34
C SER A 631 -14.18 -19.28 9.82
N ASN A 632 -13.92 -20.47 9.27
CA ASN A 632 -15.02 -21.32 8.84
C ASN A 632 -15.92 -21.74 9.98
N GLN A 633 -15.40 -21.72 11.22
CA GLN A 633 -16.18 -22.08 12.39
C GLN A 633 -17.26 -21.07 12.73
N TYR A 634 -17.26 -19.89 12.08
CA TYR A 634 -18.23 -18.84 12.38
C TYR A 634 -19.13 -18.53 11.19
N VAL A 635 -19.15 -19.37 10.17
CA VAL A 635 -20.04 -19.16 9.03
C VAL A 635 -21.49 -19.26 9.49
N TYR A 636 -21.78 -20.17 10.42
CA TYR A 636 -23.13 -20.35 10.96
C TYR A 636 -23.25 -19.83 12.38
N GLY A 637 -22.39 -18.89 12.78
CA GLY A 637 -22.51 -18.23 14.07
C GLY A 637 -21.52 -18.78 15.09
N ILE A 638 -21.62 -18.22 16.30
CA ILE A 638 -20.70 -18.57 17.37
C ILE A 638 -20.76 -20.07 17.63
N GLY A 639 -19.59 -20.70 17.70
CA GLY A 639 -19.53 -22.12 17.96
C GLY A 639 -20.21 -22.96 16.90
N GLY A 640 -20.30 -22.44 15.68
CA GLY A 640 -20.99 -23.13 14.61
C GLY A 640 -22.49 -22.95 14.62
N GLY A 641 -23.06 -22.36 15.67
CA GLY A 641 -24.50 -22.21 15.75
C GLY A 641 -25.19 -23.55 15.67
N THR A 642 -26.32 -23.59 15.00
CA THR A 642 -27.05 -24.83 14.75
C THR A 642 -26.62 -25.49 13.45
N GLY A 643 -25.65 -24.93 12.74
CA GLY A 643 -25.20 -25.48 11.48
C GLY A 643 -25.87 -24.82 10.29
N CYS A 644 -25.92 -25.57 9.20
CA CYS A 644 -26.59 -25.09 8.01
C CYS A 644 -28.11 -25.00 8.27
N PRO A 645 -28.78 -24.00 7.70
CA PRO A 645 -30.21 -23.84 7.99
C PRO A 645 -31.08 -24.95 7.40
N VAL A 646 -30.66 -25.57 6.30
CA VAL A 646 -31.51 -26.54 5.64
C VAL A 646 -31.49 -27.89 6.35
N HIS A 647 -30.36 -28.26 6.96
CA HIS A 647 -30.23 -29.55 7.63
C HIS A 647 -29.86 -29.42 9.10
N LYS A 648 -29.60 -28.21 9.60
CA LYS A 648 -29.17 -28.02 10.97
C LYS A 648 -27.93 -28.86 11.27
N ASP A 649 -27.02 -28.91 10.29
CA ASP A 649 -25.80 -29.71 10.38
C ASP A 649 -24.61 -28.77 10.30
N ARG A 650 -23.73 -28.84 11.30
CA ARG A 650 -22.53 -28.02 11.31
C ARG A 650 -21.41 -28.58 10.45
N SER A 651 -21.53 -29.83 10.01
CA SER A 651 -20.55 -30.44 9.11
C SER A 651 -21.16 -30.75 7.74
N CYS A 652 -22.20 -30.02 7.36
CA CYS A 652 -22.91 -30.30 6.11
C CYS A 652 -21.95 -30.15 4.93
N TYR A 653 -22.01 -31.13 4.02
CA TYR A 653 -21.15 -31.16 2.84
C TYR A 653 -21.91 -30.79 1.58
N ILE A 654 -23.15 -30.33 1.69
CA ILE A 654 -23.99 -29.99 0.55
C ILE A 654 -24.15 -28.48 0.41
N CYS A 655 -24.42 -27.79 1.52
CA CYS A 655 -24.76 -26.37 1.46
C CYS A 655 -23.57 -25.54 1.03
N HIS A 656 -23.85 -24.49 0.25
CA HIS A 656 -22.82 -23.56 -0.19
C HIS A 656 -22.52 -22.57 0.93
N ARG A 657 -21.28 -22.55 1.39
CA ARG A 657 -20.84 -21.62 2.43
C ARG A 657 -20.17 -20.41 1.81
N GLN A 658 -20.02 -19.37 2.62
CA GLN A 658 -19.39 -18.13 2.18
C GLN A 658 -18.37 -17.68 3.22
N LEU A 659 -17.28 -17.10 2.73
CA LEU A 659 -16.25 -16.50 3.59
C LEU A 659 -15.74 -15.23 2.92
N LEU A 660 -15.18 -14.35 3.74
CA LEU A 660 -14.60 -13.10 3.27
C LEU A 660 -13.09 -13.11 3.50
N PHE A 661 -12.34 -12.74 2.46
CA PHE A 661 -10.90 -12.57 2.52
C PHE A 661 -10.63 -11.08 2.37
N CYS A 662 -10.21 -10.44 3.46
CA CYS A 662 -10.38 -9.00 3.62
C CYS A 662 -9.04 -8.31 3.79
N ARG A 663 -8.94 -7.10 3.23
CA ARG A 663 -7.87 -6.19 3.60
C ARG A 663 -8.15 -5.65 5.00
N VAL A 664 -7.16 -5.72 5.88
CA VAL A 664 -7.29 -5.22 7.24
C VAL A 664 -6.08 -4.35 7.56
N THR A 665 -6.33 -3.10 7.93
CA THR A 665 -5.27 -2.22 8.41
C THR A 665 -5.04 -2.48 9.89
N LEU A 666 -3.82 -2.91 10.23
CA LEU A 666 -3.46 -3.15 11.62
C LEU A 666 -2.72 -1.99 12.26
N GLY A 667 -2.02 -1.18 11.46
CA GLY A 667 -1.20 -0.11 12.02
C GLY A 667 -0.20 -0.65 13.01
N LYS A 668 -0.10 0.04 14.14
CA LYS A 668 0.73 -0.42 15.26
C LYS A 668 -0.13 -1.35 16.12
N SER A 669 0.23 -2.62 16.16
CA SER A 669 -0.60 -3.66 16.75
C SER A 669 -0.11 -4.02 18.15
N PHE A 670 -1.06 -4.17 19.08
CA PHE A 670 -0.76 -4.54 20.45
C PHE A 670 -0.76 -6.05 20.58
N LEU A 671 0.39 -6.62 20.92
CA LEU A 671 0.51 -8.06 21.08
C LEU A 671 -0.02 -8.49 22.45
N GLN A 672 -0.67 -9.65 22.49
CA GLN A 672 -1.20 -10.18 23.73
C GLN A 672 -1.23 -11.70 23.65
N PHE A 673 -0.96 -12.36 24.78
CA PHE A 673 -1.00 -13.81 24.89
C PHE A 673 -2.18 -14.32 25.70
N SER A 674 -2.90 -13.44 26.41
CA SER A 674 -3.98 -13.84 27.29
C SER A 674 -5.24 -13.04 26.96
N ALA A 675 -6.35 -13.44 27.56
CA ALA A 675 -7.63 -12.81 27.29
C ALA A 675 -7.72 -11.43 27.94
N MET A 676 -8.33 -10.48 27.23
CA MET A 676 -8.60 -9.15 27.76
C MET A 676 -9.99 -8.72 27.29
N LYS A 677 -10.57 -7.76 28.00
CA LYS A 677 -11.93 -7.35 27.71
C LYS A 677 -12.01 -5.87 27.34
N MET A 678 -11.12 -5.43 26.46
CA MET A 678 -11.10 -4.03 26.04
C MET A 678 -12.24 -3.75 25.08
N ALA A 679 -12.76 -2.52 25.15
CA ALA A 679 -13.79 -2.06 24.22
C ALA A 679 -13.20 -1.32 23.02
N HIS A 680 -11.96 -0.84 23.14
CA HIS A 680 -11.28 -0.15 22.05
C HIS A 680 -9.83 -0.57 22.04
N SER A 681 -9.09 -0.14 21.02
CA SER A 681 -7.67 -0.44 20.94
C SER A 681 -6.93 0.22 22.10
N PRO A 682 -5.86 -0.38 22.58
CA PRO A 682 -5.11 0.22 23.69
C PRO A 682 -4.49 1.54 23.28
N PRO A 683 -4.25 2.44 24.24
CA PRO A 683 -3.69 3.75 23.89
C PRO A 683 -2.39 3.62 23.10
N GLY A 684 -2.28 4.43 22.06
CA GLY A 684 -1.10 4.42 21.21
C GLY A 684 -1.04 3.27 20.22
N HIS A 685 -2.12 2.52 20.04
CA HIS A 685 -2.14 1.38 19.14
C HIS A 685 -3.40 1.45 18.26
N HIS A 686 -3.46 0.54 17.27
CA HIS A 686 -4.56 0.53 16.32
C HIS A 686 -5.25 -0.83 16.19
N SER A 687 -4.68 -1.90 16.74
CA SER A 687 -5.30 -3.21 16.67
C SER A 687 -4.68 -4.09 17.74
N VAL A 688 -5.22 -5.30 17.88
CA VAL A 688 -4.69 -6.30 18.81
C VAL A 688 -4.35 -7.55 18.02
N THR A 689 -3.14 -8.05 18.22
CA THR A 689 -2.67 -9.27 17.58
C THR A 689 -2.58 -10.36 18.65
N GLY A 690 -3.50 -11.31 18.60
CA GLY A 690 -3.45 -12.46 19.48
C GLY A 690 -2.47 -13.50 19.00
N ARG A 691 -1.43 -13.76 19.79
CA ARG A 691 -0.39 -14.68 19.39
C ARG A 691 -0.69 -16.09 19.90
N PRO A 692 -0.39 -17.13 19.14
CA PRO A 692 -0.58 -18.50 19.66
C PRO A 692 0.34 -18.76 20.85
N SER A 693 -0.15 -19.58 21.77
CA SER A 693 0.60 -19.92 22.98
C SER A 693 0.29 -21.34 23.38
N VAL A 694 1.21 -21.93 24.17
CA VAL A 694 1.04 -23.31 24.61
C VAL A 694 -0.22 -23.44 25.47
N ASN A 695 -0.44 -22.51 26.39
CA ASN A 695 -1.59 -22.51 27.27
C ASN A 695 -2.68 -21.55 26.81
N GLY A 696 -2.57 -21.02 25.59
CA GLY A 696 -3.53 -20.06 25.09
C GLY A 696 -4.07 -20.40 23.71
N LEU A 697 -3.95 -19.45 22.79
CA LEU A 697 -4.49 -19.64 21.45
C LEU A 697 -3.75 -20.73 20.71
N ALA A 698 -4.50 -21.55 19.98
CA ALA A 698 -3.90 -22.50 19.06
C ALA A 698 -3.44 -21.82 17.78
N LEU A 699 -4.19 -20.83 17.31
CA LEU A 699 -3.89 -20.12 16.07
C LEU A 699 -3.97 -18.62 16.33
N ALA A 700 -3.45 -17.85 15.38
CA ALA A 700 -3.37 -16.40 15.53
C ALA A 700 -4.75 -15.77 15.40
N GLU A 701 -4.88 -14.58 15.99
CA GLU A 701 -6.10 -13.80 15.91
C GLU A 701 -5.72 -12.33 15.75
N TYR A 702 -6.54 -11.60 15.01
CA TYR A 702 -6.35 -10.17 14.81
C TYR A 702 -7.67 -9.46 15.02
N VAL A 703 -7.65 -8.42 15.85
CA VAL A 703 -8.86 -7.73 16.29
C VAL A 703 -8.70 -6.25 15.99
N ILE A 704 -9.70 -5.67 15.33
CA ILE A 704 -9.81 -4.22 15.16
C ILE A 704 -11.05 -3.75 15.90
N TYR A 705 -11.01 -2.48 16.33
CA TYR A 705 -12.10 -1.90 17.10
C TYR A 705 -12.78 -0.74 16.37
N ARG A 706 -12.54 -0.60 15.07
CA ARG A 706 -13.23 0.39 14.24
C ARG A 706 -13.60 -0.29 12.94
N GLY A 707 -14.86 -0.15 12.53
CA GLY A 707 -15.34 -0.84 11.35
C GLY A 707 -14.61 -0.44 10.08
N GLU A 708 -14.12 0.79 10.02
CA GLU A 708 -13.54 1.33 8.80
C GLU A 708 -12.10 0.86 8.56
N GLN A 709 -11.52 0.06 9.44
CA GLN A 709 -10.15 -0.43 9.27
C GLN A 709 -10.09 -1.77 8.55
N ALA A 710 -11.21 -2.24 8.00
CA ALA A 710 -11.24 -3.46 7.19
C ALA A 710 -12.10 -3.22 5.96
N TYR A 711 -11.81 -3.97 4.90
CA TYR A 711 -12.58 -3.92 3.67
C TYR A 711 -12.71 -5.35 3.14
N PRO A 712 -13.92 -5.83 2.87
CA PRO A 712 -14.08 -7.22 2.42
C PRO A 712 -13.79 -7.40 0.93
N GLU A 713 -12.53 -7.61 0.58
CA GLU A 713 -12.14 -7.58 -0.83
C GLU A 713 -12.72 -8.75 -1.62
N TYR A 714 -12.56 -9.97 -1.10
CA TYR A 714 -12.95 -11.17 -1.81
C TYR A 714 -14.09 -11.88 -1.10
N LEU A 715 -15.08 -12.32 -1.86
CA LEU A 715 -16.16 -13.17 -1.37
C LEU A 715 -15.98 -14.55 -1.99
N ILE A 716 -15.85 -15.58 -1.16
CA ILE A 716 -15.53 -16.92 -1.59
C ILE A 716 -16.69 -17.84 -1.26
N THR A 717 -17.23 -18.50 -2.29
CA THR A 717 -18.24 -19.53 -2.13
C THR A 717 -17.58 -20.90 -2.24
N TYR A 718 -17.96 -21.82 -1.35
CA TYR A 718 -17.25 -23.08 -1.25
C TYR A 718 -18.10 -24.09 -0.50
N GLN A 719 -17.68 -25.34 -0.58
CA GLN A 719 -18.16 -26.41 0.27
C GLN A 719 -16.96 -27.07 0.93
N ILE A 720 -17.18 -27.63 2.09
CA ILE A 720 -16.15 -28.42 2.77
C ILE A 720 -16.25 -29.85 2.30
N MET A 721 -15.14 -30.57 2.34
CA MET A 721 -15.10 -31.95 1.87
C MET A 721 -15.30 -32.93 3.00
N ASP B 438 25.76 23.32 -22.83
CA ASP B 438 26.11 24.71 -23.12
C ASP B 438 25.96 25.00 -24.61
N PHE B 439 26.81 24.36 -25.43
CA PHE B 439 26.76 24.58 -26.87
C PHE B 439 25.58 23.87 -27.53
N SER B 440 25.07 22.80 -26.93
CA SER B 440 24.00 22.02 -27.56
C SER B 440 22.85 22.92 -27.98
N ILE B 441 22.40 23.81 -27.10
CA ILE B 441 21.31 24.71 -27.44
C ILE B 441 21.71 25.58 -28.63
N THR B 442 22.97 26.02 -28.66
CA THR B 442 23.43 26.87 -29.74
C THR B 442 23.34 26.15 -31.08
N GLN B 443 23.82 24.90 -31.14
CA GLN B 443 23.73 24.15 -32.39
C GLN B 443 22.28 23.89 -32.76
N PHE B 444 21.44 23.55 -31.77
CA PHE B 444 20.04 23.28 -32.06
C PHE B 444 19.35 24.51 -32.66
N VAL B 445 19.61 25.68 -32.08
CA VAL B 445 18.98 26.90 -32.59
C VAL B 445 19.55 27.28 -33.95
N ARG B 446 20.87 27.12 -34.12
CA ARG B 446 21.49 27.49 -35.38
C ARG B 446 20.97 26.64 -36.53
N ASN B 447 20.83 25.33 -36.30
CA ASN B 447 20.33 24.45 -37.37
C ASN B 447 18.95 24.89 -37.84
N LEU B 448 18.15 25.46 -36.95
CA LEU B 448 16.83 25.95 -37.30
C LEU B 448 16.85 27.32 -37.97
N GLY B 449 18.01 27.97 -38.06
CA GLY B 449 18.08 29.30 -38.63
C GLY B 449 17.56 30.38 -37.71
N LEU B 450 17.49 30.12 -36.41
CA LEU B 450 16.92 31.05 -35.44
C LEU B 450 18.00 31.66 -34.54
N GLU B 451 19.15 32.00 -35.11
CA GLU B 451 20.29 32.40 -34.30
C GLU B 451 19.99 33.67 -33.53
N HIS B 452 19.13 34.53 -34.09
CA HIS B 452 18.84 35.83 -33.49
C HIS B 452 18.14 35.72 -32.13
N LEU B 453 17.64 34.54 -31.76
CA LEU B 453 17.01 34.34 -30.45
C LEU B 453 18.00 33.91 -29.38
N MET B 454 19.28 33.77 -29.73
CA MET B 454 20.24 33.26 -28.76
C MET B 454 20.45 34.25 -27.62
N ASP B 455 20.30 35.55 -27.87
CA ASP B 455 20.40 36.51 -26.78
C ASP B 455 19.33 36.25 -25.73
N ILE B 456 18.09 36.01 -26.17
CA ILE B 456 17.01 35.70 -25.24
C ILE B 456 17.31 34.40 -24.51
N PHE B 457 17.74 33.37 -25.26
CA PHE B 457 18.01 32.08 -24.62
C PHE B 457 19.13 32.19 -23.59
N GLU B 458 20.13 33.03 -23.85
CA GLU B 458 21.24 33.19 -22.92
C GLU B 458 20.81 33.99 -21.69
N ARG B 459 20.06 35.07 -21.89
CA ARG B 459 19.63 35.87 -20.75
C ARG B 459 18.76 35.07 -19.80
N GLU B 460 17.88 34.22 -20.34
CA GLU B 460 16.98 33.42 -19.54
C GLU B 460 17.59 32.06 -19.15
N GLN B 461 18.83 31.79 -19.52
CA GLN B 461 19.51 30.55 -19.14
C GLN B 461 18.75 29.33 -19.63
N ILE B 462 18.32 29.38 -20.90
CA ILE B 462 17.62 28.26 -21.52
C ILE B 462 18.66 27.29 -22.07
N THR B 463 18.75 26.12 -21.47
CA THR B 463 19.51 25.02 -22.02
C THR B 463 18.58 24.08 -22.78
N LEU B 464 19.19 23.14 -23.51
CA LEU B 464 18.39 22.25 -24.34
C LEU B 464 17.45 21.39 -23.50
N ASP B 465 17.94 20.88 -22.36
CA ASP B 465 17.08 20.09 -21.50
C ASP B 465 15.90 20.90 -20.98
N VAL B 466 16.07 22.21 -20.84
CA VAL B 466 14.94 23.07 -20.50
C VAL B 466 14.09 23.36 -21.72
N LEU B 467 14.72 23.61 -22.86
CA LEU B 467 13.97 23.95 -24.07
C LEU B 467 12.99 22.84 -24.44
N VAL B 468 13.42 21.59 -24.32
CA VAL B 468 12.59 20.47 -24.74
C VAL B 468 11.34 20.29 -23.87
N GLU B 469 11.20 21.06 -22.80
CA GLU B 469 10.04 20.99 -21.92
C GLU B 469 9.17 22.25 -22.00
N MET B 470 9.34 23.04 -23.05
CA MET B 470 8.66 24.33 -23.19
C MET B 470 7.67 24.27 -24.36
N GLY B 471 6.43 24.67 -24.09
CA GLY B 471 5.43 24.77 -25.12
C GLY B 471 5.25 26.20 -25.61
N HIS B 472 4.13 26.42 -26.31
CA HIS B 472 3.83 27.77 -26.79
C HIS B 472 3.73 28.75 -25.64
N LYS B 473 3.08 28.36 -24.55
CA LYS B 473 2.82 29.29 -23.45
C LYS B 473 4.13 29.75 -22.83
N GLU B 474 5.03 28.82 -22.49
CA GLU B 474 6.27 29.19 -21.82
C GLU B 474 7.18 29.99 -22.73
N LEU B 475 7.29 29.59 -24.00
CA LEU B 475 8.11 30.33 -24.95
C LEU B 475 7.59 31.76 -25.13
N LYS B 476 6.26 31.91 -25.21
CA LYS B 476 5.69 33.25 -25.23
C LYS B 476 6.03 34.00 -23.95
N GLU B 477 6.05 33.30 -22.82
CA GLU B 477 6.38 33.93 -21.55
C GLU B 477 7.79 34.52 -21.58
N ILE B 478 8.76 33.79 -22.14
CA ILE B 478 10.13 34.28 -22.13
C ILE B 478 10.37 35.26 -23.27
N GLY B 479 9.32 35.62 -23.99
CA GLY B 479 9.41 36.68 -24.99
C GLY B 479 9.60 36.24 -26.42
N ILE B 480 9.32 34.99 -26.76
CA ILE B 480 9.32 34.54 -28.16
C ILE B 480 7.90 34.80 -28.68
N ASN B 481 7.68 36.00 -29.21
CA ASN B 481 6.32 36.44 -29.53
C ASN B 481 5.83 35.91 -30.87
N ALA B 482 6.72 35.72 -31.84
CA ALA B 482 6.27 35.25 -33.15
C ALA B 482 5.82 33.81 -33.07
N TYR B 483 4.62 33.53 -33.58
CA TYR B 483 4.14 32.15 -33.60
C TYR B 483 5.04 31.26 -34.45
N GLY B 484 5.59 31.80 -35.53
CA GLY B 484 6.41 30.99 -36.42
C GLY B 484 7.66 30.46 -35.74
N HIS B 485 8.36 31.32 -34.99
CA HIS B 485 9.57 30.89 -34.31
C HIS B 485 9.25 29.81 -33.27
N ARG B 486 8.18 30.00 -32.50
CA ARG B 486 7.79 28.99 -31.53
C ARG B 486 7.44 27.68 -32.22
N HIS B 487 6.73 27.76 -33.34
CA HIS B 487 6.35 26.56 -34.08
C HIS B 487 7.60 25.82 -34.54
N LYS B 488 8.58 26.54 -35.08
CA LYS B 488 9.81 25.91 -35.54
C LYS B 488 10.54 25.25 -34.37
N LEU B 489 10.64 25.94 -33.23
CA LEU B 489 11.33 25.35 -32.08
C LEU B 489 10.63 24.09 -31.60
N ILE B 490 9.29 24.14 -31.52
CA ILE B 490 8.54 22.98 -31.03
C ILE B 490 8.68 21.80 -31.98
N LYS B 491 8.63 22.05 -33.29
CA LYS B 491 8.81 20.97 -34.25
C LYS B 491 10.22 20.40 -34.18
N GLY B 492 11.23 21.26 -34.00
CA GLY B 492 12.58 20.75 -33.84
C GLY B 492 12.73 19.87 -32.61
N VAL B 493 12.13 20.28 -31.49
CA VAL B 493 12.15 19.46 -30.30
C VAL B 493 11.46 18.13 -30.56
N GLU B 494 10.32 18.15 -31.26
CA GLU B 494 9.62 16.92 -31.58
C GLU B 494 10.52 16.00 -32.40
N ARG B 495 11.18 16.55 -33.42
CA ARG B 495 12.04 15.73 -34.27
C ARG B 495 13.20 15.14 -33.48
N LEU B 496 13.72 15.86 -32.50
CA LEU B 496 14.83 15.35 -31.70
C LEU B 496 14.35 14.26 -30.73
N ILE B 497 13.38 14.59 -29.87
CA ILE B 497 12.97 13.67 -28.82
C ILE B 497 12.29 12.45 -29.41
N SER B 498 11.34 12.66 -30.32
CA SER B 498 10.54 11.56 -30.85
C SER B 498 11.14 10.97 -32.13
N GLY B 499 11.52 11.82 -33.09
CA GLY B 499 12.07 11.34 -34.34
C GLY B 499 13.35 10.57 -34.19
N GLN B 500 14.07 10.77 -33.08
CA GLN B 500 15.33 10.08 -32.81
C GLN B 500 15.25 9.33 -31.49
N GLN B 501 14.06 8.79 -31.18
CA GLN B 501 13.86 8.13 -29.90
C GLN B 501 14.80 6.95 -29.71
N GLY B 502 15.20 6.30 -30.81
CA GLY B 502 16.07 5.14 -30.70
C GLY B 502 17.38 5.44 -30.00
N LEU B 503 17.88 6.66 -30.14
CA LEU B 503 19.11 7.07 -29.48
C LEU B 503 18.88 7.64 -28.08
N ASN B 504 17.63 7.72 -27.65
CA ASN B 504 17.28 8.15 -26.30
C ASN B 504 17.96 9.47 -25.91
N PRO B 505 17.80 10.52 -26.71
CA PRO B 505 18.32 11.83 -26.28
C PRO B 505 17.66 12.34 -25.01
N TYR B 506 16.43 11.90 -24.72
CA TYR B 506 15.75 12.36 -23.51
C TYR B 506 16.51 11.95 -22.26
N LEU B 507 17.01 10.71 -22.22
CA LEU B 507 17.76 10.25 -21.05
C LEU B 507 19.06 11.04 -20.89
N THR B 508 19.75 11.31 -22.00
CA THR B 508 20.98 12.08 -21.93
C THR B 508 20.72 13.50 -21.46
N LEU B 509 19.59 14.10 -21.88
CA LEU B 509 19.30 15.48 -21.52
C LEU B 509 18.80 15.59 -20.08
N ASN B 510 18.05 14.60 -19.59
CA ASN B 510 17.37 14.69 -18.32
C ASN B 510 18.13 14.04 -17.17
N THR B 511 19.46 14.06 -17.21
CA THR B 511 20.23 13.51 -16.10
C THR B 511 20.19 14.43 -14.89
N SER B 512 20.13 15.74 -15.11
CA SER B 512 20.12 16.69 -14.00
C SER B 512 18.82 16.57 -13.23
N GLY B 513 18.91 16.73 -11.90
CA GLY B 513 17.76 16.65 -11.02
C GLY B 513 17.61 15.34 -10.31
N SER B 514 18.24 14.28 -10.80
CA SER B 514 18.17 12.97 -10.16
C SER B 514 19.07 12.99 -8.92
N GLY B 515 19.24 11.84 -8.30
CA GLY B 515 20.11 11.73 -7.16
C GLY B 515 19.34 11.82 -5.85
N THR B 516 19.91 11.21 -4.82
CA THR B 516 19.26 11.13 -3.51
C THR B 516 19.42 12.42 -2.73
N ILE B 517 18.39 12.74 -1.95
CA ILE B 517 18.45 13.80 -0.96
C ILE B 517 17.90 13.26 0.35
N LEU B 518 18.37 13.83 1.46
CA LEU B 518 17.95 13.44 2.80
C LEU B 518 17.20 14.59 3.45
N ILE B 519 16.02 14.30 3.99
CA ILE B 519 15.19 15.30 4.65
C ILE B 519 15.14 14.97 6.14
N ASP B 520 15.62 15.90 6.96
CA ASP B 520 15.62 15.70 8.40
C ASP B 520 14.19 15.66 8.93
N LEU B 521 13.94 14.72 9.84
CA LEU B 521 12.67 14.68 10.56
C LEU B 521 12.79 15.46 11.86
N SER B 522 11.76 16.23 12.15
CA SER B 522 11.76 17.01 13.39
C SER B 522 11.65 16.07 14.59
N PRO B 523 12.47 16.23 15.63
CA PRO B 523 12.33 15.35 16.80
C PRO B 523 10.96 15.42 17.44
N ASP B 524 10.29 16.58 17.38
CA ASP B 524 8.96 16.70 17.95
C ASP B 524 7.89 16.08 17.06
N ASP B 525 8.19 15.83 15.79
CA ASP B 525 7.21 15.25 14.88
C ASP B 525 6.86 13.83 15.31
N LYS B 526 5.60 13.46 15.10
CA LYS B 526 5.14 12.13 15.48
C LYS B 526 5.75 11.04 14.59
N GLU B 527 6.19 11.40 13.38
CA GLU B 527 6.91 10.44 12.55
C GLU B 527 8.25 10.09 13.17
N PHE B 528 9.00 11.11 13.59
CA PHE B 528 10.25 10.88 14.29
C PHE B 528 10.02 10.05 15.55
N GLN B 529 8.98 10.40 16.31
CA GLN B 529 8.71 9.69 17.55
C GLN B 529 8.36 8.23 17.28
N SER B 530 7.59 7.97 16.22
CA SER B 530 7.24 6.59 15.89
C SER B 530 8.46 5.79 15.47
N VAL B 531 9.34 6.39 14.65
CA VAL B 531 10.55 5.68 14.23
C VAL B 531 11.42 5.39 15.45
N GLU B 532 11.57 6.37 16.34
CA GLU B 532 12.36 6.15 17.55
C GLU B 532 11.75 5.08 18.43
N GLU B 533 10.42 5.08 18.57
CA GLU B 533 9.76 4.08 19.39
C GLU B 533 9.99 2.68 18.84
N GLU B 534 9.88 2.53 17.52
CA GLU B 534 10.19 1.24 16.90
C GLU B 534 11.64 0.86 17.15
N MET B 535 12.55 1.83 17.03
CA MET B 535 13.96 1.56 17.25
C MET B 535 14.23 1.05 18.66
N GLN B 536 13.69 1.73 19.67
CA GLN B 536 13.99 1.40 21.06
C GLN B 536 13.25 0.14 21.51
N SER B 537 11.97 -0.01 21.14
CA SER B 537 11.16 -1.10 21.66
C SER B 537 11.61 -2.47 21.16
N THR B 538 12.29 -2.53 20.01
CA THR B 538 12.67 -3.80 19.41
C THR B 538 14.06 -4.26 19.85
N VAL B 539 14.71 -3.54 20.76
CA VAL B 539 15.99 -3.99 21.29
C VAL B 539 15.80 -5.31 22.03
N ARG B 540 16.76 -6.22 21.85
CA ARG B 540 16.67 -7.52 22.49
C ARG B 540 18.06 -7.92 22.99
N GLU B 541 18.08 -8.84 23.95
CA GLU B 541 19.33 -9.41 24.44
C GLU B 541 19.72 -10.58 23.56
N HIS B 542 20.93 -10.55 23.02
CA HIS B 542 21.40 -11.55 22.07
C HIS B 542 22.18 -12.65 22.78
N ARG B 543 22.29 -13.79 22.11
CA ARG B 543 22.91 -14.96 22.74
C ARG B 543 24.36 -14.66 23.12
N ASP B 544 25.11 -14.00 22.25
CA ASP B 544 26.45 -13.58 22.61
C ASP B 544 26.39 -12.44 23.62
N GLY B 545 27.47 -12.31 24.39
CA GLY B 545 27.53 -11.26 25.39
C GLY B 545 27.81 -9.90 24.78
N GLY B 546 26.97 -9.49 23.83
CA GLY B 546 27.19 -8.25 23.12
C GLY B 546 28.50 -8.20 22.37
N HIS B 547 28.94 -9.35 21.83
CA HIS B 547 30.23 -9.39 21.16
C HIS B 547 30.17 -8.71 19.79
N ALA B 548 29.08 -8.91 19.06
CA ALA B 548 29.00 -8.38 17.70
C ALA B 548 28.62 -6.90 17.71
N GLY B 549 27.48 -6.56 18.31
CA GLY B 549 26.96 -5.21 18.24
C GLY B 549 27.28 -4.34 19.44
N GLY B 550 27.79 -4.93 20.51
CA GLY B 550 28.10 -4.21 21.72
C GLY B 550 27.05 -4.41 22.80
N ILE B 551 27.30 -3.77 23.94
CA ILE B 551 26.46 -3.90 25.13
C ILE B 551 25.66 -2.62 25.28
N PHE B 552 24.33 -2.76 25.34
CA PHE B 552 23.45 -1.61 25.47
C PHE B 552 22.03 -2.11 25.72
N ASN B 553 21.22 -1.25 26.33
CA ASN B 553 19.79 -1.49 26.48
C ASN B 553 18.94 -0.57 25.61
N ARG B 554 19.48 0.58 25.21
CA ARG B 554 18.74 1.57 24.44
C ARG B 554 19.72 2.37 23.60
N TYR B 555 19.18 3.30 22.81
CA TYR B 555 19.96 4.11 21.91
C TYR B 555 19.85 5.59 22.28
N ASN B 556 20.87 6.34 21.89
CA ASN B 556 20.80 7.80 21.89
C ASN B 556 20.61 8.21 20.44
N ILE B 557 19.37 8.53 20.07
CA ILE B 557 19.03 8.85 18.68
C ILE B 557 19.48 10.28 18.40
N LEU B 558 20.30 10.45 17.36
CA LEU B 558 20.81 11.77 16.97
C LEU B 558 19.98 12.39 15.85
N LYS B 559 19.83 11.69 14.74
CA LYS B 559 19.12 12.23 13.59
C LYS B 559 18.37 11.11 12.89
N ILE B 560 17.24 11.48 12.29
CA ILE B 560 16.46 10.59 11.45
C ILE B 560 16.16 11.33 10.15
N GLN B 561 16.46 10.69 9.02
CA GLN B 561 16.35 11.33 7.72
C GLN B 561 15.54 10.45 6.77
N LYS B 562 14.71 11.09 5.96
CA LYS B 562 13.92 10.42 4.94
C LYS B 562 14.70 10.42 3.63
N VAL B 563 14.95 9.23 3.10
CA VAL B 563 15.74 9.08 1.87
C VAL B 563 14.79 9.19 0.68
N CYS B 564 15.03 10.20 -0.16
CA CYS B 564 14.21 10.45 -1.34
C CYS B 564 15.06 10.28 -2.59
N ASN B 565 14.67 9.36 -3.46
CA ASN B 565 15.33 9.18 -4.75
C ASN B 565 14.27 8.68 -5.72
N LYS B 566 13.91 9.53 -6.68
CA LYS B 566 12.75 9.23 -7.52
C LYS B 566 12.95 7.96 -8.34
N LYS B 567 14.14 7.78 -8.93
CA LYS B 567 14.37 6.62 -9.77
C LYS B 567 14.27 5.33 -8.98
N LEU B 568 14.93 5.28 -7.82
CA LEU B 568 14.89 4.07 -7.00
C LEU B 568 13.47 3.80 -6.50
N TRP B 569 12.74 4.86 -6.14
CA TRP B 569 11.35 4.68 -5.71
C TRP B 569 10.49 4.12 -6.83
N GLU B 570 10.67 4.63 -8.06
CA GLU B 570 9.90 4.11 -9.19
C GLU B 570 10.22 2.64 -9.45
N ARG B 571 11.51 2.28 -9.38
CA ARG B 571 11.87 0.88 -9.55
C ARG B 571 11.23 0.00 -8.48
N TYR B 572 11.27 0.46 -7.22
CA TYR B 572 10.67 -0.29 -6.13
C TYR B 572 9.18 -0.47 -6.34
N THR B 573 8.48 0.60 -6.76
CA THR B 573 7.03 0.51 -6.93
C THR B 573 6.67 -0.37 -8.13
N HIS B 574 7.47 -0.35 -9.18
CA HIS B 574 7.26 -1.28 -10.29
C HIS B 574 7.33 -2.72 -9.80
N ARG B 575 8.37 -3.06 -9.04
CA ARG B 575 8.45 -4.41 -8.50
C ARG B 575 7.29 -4.71 -7.54
N ARG B 576 6.90 -3.72 -6.73
CA ARG B 576 5.82 -3.95 -5.78
C ARG B 576 4.51 -4.26 -6.47
N LYS B 577 4.19 -3.51 -7.53
CA LYS B 577 3.00 -3.80 -8.31
C LYS B 577 3.09 -5.18 -8.95
N GLU B 578 4.26 -5.52 -9.50
CA GLU B 578 4.43 -6.84 -10.09
C GLU B 578 4.14 -7.93 -9.06
N VAL B 579 4.68 -7.78 -7.85
CA VAL B 579 4.49 -8.80 -6.83
C VAL B 579 3.02 -8.87 -6.40
N SER B 580 2.39 -7.71 -6.19
CA SER B 580 1.01 -7.71 -5.75
C SER B 580 0.11 -8.39 -6.77
N GLU B 581 0.34 -8.13 -8.06
CA GLU B 581 -0.46 -8.79 -9.09
C GLU B 581 -0.31 -10.32 -9.03
N GLU B 582 0.79 -10.82 -8.47
CA GLU B 582 1.01 -12.25 -8.33
C GLU B 582 0.60 -12.79 -6.96
N ASN B 583 0.11 -11.94 -6.06
CA ASN B 583 -0.23 -12.33 -4.69
C ASN B 583 -1.60 -11.78 -4.30
N HIS B 584 -2.58 -12.02 -5.17
CA HIS B 584 -3.97 -11.58 -4.98
C HIS B 584 -4.03 -10.14 -4.49
N ASN B 585 -3.42 -9.26 -5.29
CA ASN B 585 -3.49 -7.81 -5.08
C ASN B 585 -2.92 -7.38 -3.73
N HIS B 586 -2.06 -8.18 -3.14
CA HIS B 586 -1.49 -7.91 -1.83
C HIS B 586 0.03 -7.93 -1.93
N ALA B 587 0.66 -6.77 -1.73
CA ALA B 587 2.12 -6.71 -1.78
C ALA B 587 2.76 -7.37 -0.57
N ASN B 588 2.08 -7.35 0.58
CA ASN B 588 2.64 -7.86 1.84
C ASN B 588 3.89 -7.07 2.22
N GLU B 589 3.69 -5.77 2.38
CA GLU B 589 4.78 -4.83 2.63
C GLU B 589 5.07 -4.74 4.12
N ARG B 590 6.35 -4.85 4.48
CA ARG B 590 6.82 -4.73 5.85
C ARG B 590 7.85 -3.61 5.94
N MET B 591 8.06 -3.10 7.15
CA MET B 591 9.13 -2.17 7.45
C MET B 591 10.09 -2.82 8.42
N LEU B 592 11.36 -2.94 8.02
CA LEU B 592 12.34 -3.71 8.77
C LEU B 592 13.66 -2.94 8.83
N PHE B 593 14.56 -3.39 9.70
CA PHE B 593 15.85 -2.78 9.88
C PHE B 593 16.91 -3.50 9.04
N HIS B 594 17.89 -2.74 8.55
CA HIS B 594 19.04 -3.30 7.83
C HIS B 594 20.29 -2.52 8.19
N GLY B 595 21.31 -3.23 8.64
CA GLY B 595 22.60 -2.62 8.96
C GLY B 595 23.68 -3.15 8.03
N SER B 596 24.56 -2.26 7.59
CA SER B 596 25.57 -2.62 6.61
C SER B 596 26.61 -1.52 6.47
N PRO B 597 27.90 -1.86 6.36
CA PRO B 597 28.92 -0.82 6.19
C PRO B 597 28.77 -0.02 4.90
N PHE B 598 28.00 -0.52 3.94
CA PHE B 598 27.85 0.12 2.63
C PHE B 598 26.56 0.91 2.53
N VAL B 599 26.14 1.57 3.62
CA VAL B 599 24.85 2.24 3.65
C VAL B 599 24.79 3.37 2.65
N ASN B 600 25.91 4.08 2.47
CA ASN B 600 25.93 5.20 1.51
C ASN B 600 25.67 4.71 0.10
N ALA B 601 26.31 3.60 -0.29
CA ALA B 601 26.05 3.00 -1.58
C ALA B 601 24.58 2.61 -1.72
N ILE B 602 23.97 2.14 -0.64
CA ILE B 602 22.56 1.73 -0.71
C ILE B 602 21.66 2.94 -0.92
N ILE B 603 21.89 4.01 -0.16
CA ILE B 603 21.01 5.17 -0.26
C ILE B 603 21.21 5.92 -1.56
N HIS B 604 22.38 5.81 -2.21
CA HIS B 604 22.60 6.51 -3.46
C HIS B 604 22.32 5.66 -4.70
N LYS B 605 22.58 4.35 -4.64
CA LYS B 605 22.40 3.47 -5.77
C LYS B 605 21.28 2.46 -5.58
N GLY B 606 20.81 2.26 -4.35
CA GLY B 606 19.74 1.32 -4.06
C GLY B 606 20.28 -0.03 -3.65
N PHE B 607 19.36 -0.86 -3.15
CA PHE B 607 19.72 -2.23 -2.82
C PHE B 607 20.04 -3.02 -4.08
N ASP B 608 20.99 -3.93 -3.98
CA ASP B 608 21.47 -4.69 -5.13
C ASP B 608 21.74 -6.12 -4.70
N GLU B 609 21.05 -7.09 -5.32
CA GLU B 609 21.31 -8.48 -4.99
C GLU B 609 22.67 -8.96 -5.46
N ARG B 610 23.33 -8.21 -6.35
CA ARG B 610 24.69 -8.54 -6.73
C ARG B 610 25.68 -8.30 -5.61
N HIS B 611 25.26 -7.66 -4.52
CA HIS B 611 26.04 -7.53 -3.29
C HIS B 611 25.36 -8.28 -2.15
N ALA B 612 24.80 -9.44 -2.44
CA ALA B 612 24.08 -10.22 -1.47
C ALA B 612 25.04 -10.83 -0.44
N TYR B 613 24.48 -11.19 0.72
CA TYR B 613 25.25 -11.73 1.84
C TYR B 613 25.31 -13.25 1.68
N ILE B 614 26.39 -13.71 1.03
CA ILE B 614 26.49 -15.13 0.69
C ILE B 614 26.48 -15.99 1.94
N GLY B 615 27.12 -15.51 3.00
CA GLY B 615 27.31 -16.31 4.20
C GLY B 615 26.07 -16.50 5.05
N GLY B 616 24.96 -15.85 4.72
CA GLY B 616 23.75 -15.98 5.50
C GLY B 616 23.21 -17.39 5.48
N MET B 617 22.30 -17.65 6.42
CA MET B 617 21.76 -19.00 6.59
C MET B 617 20.85 -19.41 5.45
N PHE B 618 20.22 -18.45 4.77
CA PHE B 618 19.24 -18.74 3.73
C PHE B 618 19.78 -18.44 2.32
N GLY B 619 21.09 -18.33 2.16
CA GLY B 619 21.68 -18.18 0.85
C GLY B 619 22.09 -16.75 0.54
N ALA B 620 22.22 -16.48 -0.76
CA ALA B 620 22.73 -15.20 -1.25
C ALA B 620 21.57 -14.24 -1.47
N GLY B 621 21.12 -13.65 -0.37
CA GLY B 621 20.05 -12.67 -0.43
C GLY B 621 20.38 -11.40 0.33
N ILE B 622 19.39 -10.54 0.50
CA ILE B 622 19.53 -9.31 1.27
C ILE B 622 18.68 -9.47 2.53
N TYR B 623 19.32 -9.28 3.69
CA TYR B 623 18.75 -9.69 4.96
C TYR B 623 18.19 -8.49 5.73
N PHE B 624 17.01 -8.67 6.31
CA PHE B 624 16.34 -7.67 7.11
C PHE B 624 15.86 -8.29 8.42
N ALA B 625 15.80 -7.48 9.46
CA ALA B 625 15.39 -7.93 10.78
C ALA B 625 14.31 -6.99 11.32
N GLU B 626 13.45 -7.54 12.18
CA GLU B 626 12.46 -6.74 12.89
C GLU B 626 12.98 -6.25 14.24
N ASN B 627 14.19 -6.62 14.62
CA ASN B 627 14.82 -6.16 15.84
C ASN B 627 16.00 -5.26 15.48
N SER B 628 16.00 -4.03 16.02
CA SER B 628 17.03 -3.06 15.64
C SER B 628 18.42 -3.52 16.08
N SER B 629 18.53 -4.15 17.25
CA SER B 629 19.84 -4.56 17.74
C SER B 629 20.47 -5.63 16.84
N LYS B 630 19.67 -6.57 16.34
CA LYS B 630 20.20 -7.57 15.43
C LYS B 630 20.89 -6.92 14.24
N SER B 631 20.21 -5.97 13.58
CA SER B 631 20.83 -5.24 12.47
C SER B 631 22.03 -4.44 12.95
N ASN B 632 21.93 -3.85 14.15
CA ASN B 632 23.06 -3.10 14.69
C ASN B 632 24.30 -3.97 14.78
N GLN B 633 24.14 -5.27 14.94
CA GLN B 633 25.29 -6.16 14.94
C GLN B 633 26.07 -6.12 13.63
N TYR B 634 25.46 -5.62 12.54
CA TYR B 634 26.07 -5.65 11.22
C TYR B 634 26.49 -4.28 10.71
N VAL B 635 26.46 -3.25 11.55
CA VAL B 635 26.81 -1.91 11.09
C VAL B 635 28.25 -1.88 10.61
N TYR B 636 29.16 -2.49 11.37
CA TYR B 636 30.58 -2.52 11.05
C TYR B 636 31.00 -3.84 10.40
N GLY B 637 30.06 -4.58 9.84
CA GLY B 637 30.36 -5.79 9.09
C GLY B 637 29.89 -7.05 9.81
N ILE B 638 30.13 -8.18 9.15
CA ILE B 638 29.72 -9.47 9.69
C ILE B 638 30.38 -9.68 11.05
N GLY B 639 29.59 -10.13 12.02
CA GLY B 639 30.09 -10.26 13.37
C GLY B 639 30.55 -8.96 13.97
N GLY B 640 30.10 -7.83 13.42
CA GLY B 640 30.57 -6.53 13.85
C GLY B 640 31.90 -6.11 13.26
N GLY B 641 32.52 -6.96 12.44
CA GLY B 641 33.81 -6.61 11.88
C GLY B 641 34.82 -6.32 12.98
N THR B 642 35.59 -5.26 12.77
CA THR B 642 36.54 -4.78 13.76
C THR B 642 36.02 -3.58 14.53
N GLY B 643 34.75 -3.23 14.35
CA GLY B 643 34.15 -2.14 15.08
C GLY B 643 34.21 -0.82 14.36
N CYS B 644 34.22 0.28 15.11
CA CYS B 644 34.28 1.60 14.52
C CYS B 644 35.63 1.82 13.84
N PRO B 645 35.68 2.64 12.79
CA PRO B 645 36.97 2.89 12.13
C PRO B 645 38.01 3.51 13.03
N VAL B 646 37.61 4.29 14.03
CA VAL B 646 38.54 5.08 14.82
C VAL B 646 39.12 4.23 15.95
N HIS B 647 38.27 3.76 16.86
CA HIS B 647 38.73 3.05 18.04
C HIS B 647 38.79 1.54 17.86
N LYS B 648 38.31 1.01 16.73
CA LYS B 648 38.32 -0.42 16.48
C LYS B 648 37.61 -1.18 17.60
N ASP B 649 36.50 -0.63 18.08
CA ASP B 649 35.73 -1.22 19.16
C ASP B 649 34.31 -1.48 18.67
N ARG B 650 33.85 -2.72 18.85
CA ARG B 650 32.48 -3.06 18.48
C ARG B 650 31.47 -2.42 19.42
N SER B 651 31.83 -2.23 20.69
CA SER B 651 30.94 -1.67 21.70
C SER B 651 31.21 -0.18 21.92
N CYS B 652 31.78 0.51 20.94
CA CYS B 652 32.09 1.92 21.10
C CYS B 652 30.82 2.72 21.37
N TYR B 653 30.88 3.59 22.38
CA TYR B 653 29.74 4.41 22.79
C TYR B 653 29.87 5.85 22.32
N ILE B 654 30.84 6.14 21.45
CA ILE B 654 31.12 7.49 21.01
C ILE B 654 30.80 7.66 19.52
N CYS B 655 31.30 6.76 18.69
CA CYS B 655 31.16 6.92 17.24
C CYS B 655 29.69 6.81 16.81
N HIS B 656 29.33 7.60 15.82
CA HIS B 656 27.99 7.54 15.26
C HIS B 656 27.80 6.25 14.47
N ARG B 657 26.58 5.71 14.53
CA ARG B 657 26.19 4.54 13.77
C ARG B 657 25.01 4.90 12.88
N GLN B 658 24.87 4.16 11.78
CA GLN B 658 23.78 4.38 10.84
C GLN B 658 23.07 3.07 10.55
N LEU B 659 21.74 3.09 10.68
CA LEU B 659 20.90 1.96 10.34
C LEU B 659 19.83 2.40 9.35
N LEU B 660 19.41 1.47 8.50
CA LEU B 660 18.35 1.70 7.53
C LEU B 660 17.07 1.04 8.00
N PHE B 661 15.95 1.76 7.87
CA PHE B 661 14.62 1.25 8.19
C PHE B 661 13.79 1.35 6.92
N CYS B 662 13.53 0.21 6.29
CA CYS B 662 13.21 0.15 4.86
C CYS B 662 11.83 -0.47 4.63
N ARG B 663 11.22 -0.08 3.52
CA ARG B 663 10.08 -0.81 2.98
C ARG B 663 10.60 -2.07 2.28
N VAL B 664 10.02 -3.22 2.61
CA VAL B 664 10.43 -4.50 2.03
C VAL B 664 9.18 -5.22 1.54
N THR B 665 9.11 -5.46 0.24
CA THR B 665 8.00 -6.21 -0.36
C THR B 665 8.29 -7.70 -0.23
N LEU B 666 7.46 -8.40 0.54
CA LEU B 666 7.65 -9.83 0.74
C LEU B 666 6.80 -10.69 -0.19
N GLY B 667 5.65 -10.17 -0.63
CA GLY B 667 4.75 -10.97 -1.43
C GLY B 667 4.38 -12.25 -0.72
N LYS B 668 4.34 -13.35 -1.47
CA LYS B 668 4.15 -14.67 -0.90
C LYS B 668 5.48 -15.16 -0.36
N SER B 669 5.61 -15.22 0.96
CA SER B 669 6.87 -15.51 1.62
C SER B 669 6.95 -16.96 2.04
N PHE B 670 8.12 -17.56 1.85
CA PHE B 670 8.36 -18.95 2.20
C PHE B 670 8.87 -19.04 3.63
N LEU B 671 8.20 -19.84 4.45
CA LEU B 671 8.51 -19.94 5.87
C LEU B 671 9.49 -21.08 6.11
N GLN B 672 10.59 -20.78 6.80
CA GLN B 672 11.62 -21.76 7.08
C GLN B 672 12.03 -21.69 8.55
N PHE B 673 12.38 -22.86 9.09
CA PHE B 673 12.87 -22.97 10.46
C PHE B 673 14.31 -23.45 10.54
N SER B 674 14.88 -23.97 9.46
CA SER B 674 16.26 -24.46 9.45
C SER B 674 17.00 -23.86 8.27
N ALA B 675 18.32 -23.94 8.31
CA ALA B 675 19.14 -23.33 7.28
C ALA B 675 19.10 -24.12 5.98
N MET B 676 19.10 -23.41 4.87
CA MET B 676 19.30 -24.02 3.56
C MET B 676 19.71 -22.92 2.58
N LYS B 677 20.86 -23.09 1.93
CA LYS B 677 21.44 -22.05 1.09
C LYS B 677 20.70 -22.03 -0.25
N MET B 678 20.12 -20.89 -0.58
CA MET B 678 19.35 -20.68 -1.80
C MET B 678 19.96 -19.56 -2.62
N ALA B 679 19.91 -19.71 -3.94
CA ALA B 679 20.35 -18.64 -4.83
C ALA B 679 19.25 -17.61 -5.09
N HIS B 680 18.01 -18.06 -5.20
CA HIS B 680 16.88 -17.19 -5.47
C HIS B 680 15.69 -17.64 -4.63
N SER B 681 14.60 -16.88 -4.70
CA SER B 681 13.42 -17.25 -3.93
C SER B 681 12.88 -18.58 -4.45
N PRO B 682 12.20 -19.35 -3.60
CA PRO B 682 11.68 -20.65 -4.04
C PRO B 682 10.60 -20.47 -5.08
N PRO B 683 10.36 -21.49 -5.91
CA PRO B 683 9.32 -21.36 -6.94
C PRO B 683 7.98 -20.96 -6.34
N GLY B 684 7.32 -20.00 -6.99
CA GLY B 684 6.04 -19.52 -6.54
C GLY B 684 6.09 -18.57 -5.36
N HIS B 685 7.27 -18.16 -4.92
CA HIS B 685 7.42 -17.28 -3.77
C HIS B 685 8.29 -16.09 -4.15
N HIS B 686 8.18 -15.03 -3.36
CA HIS B 686 8.92 -13.80 -3.59
C HIS B 686 9.88 -13.45 -2.47
N SER B 687 9.86 -14.18 -1.36
CA SER B 687 10.78 -13.91 -0.26
C SER B 687 10.82 -15.12 0.66
N VAL B 688 11.80 -15.12 1.56
CA VAL B 688 11.95 -16.16 2.57
C VAL B 688 11.85 -15.49 3.94
N THR B 689 11.00 -16.04 4.80
CA THR B 689 10.83 -15.55 6.16
C THR B 689 11.37 -16.60 7.14
N GLY B 690 12.41 -16.23 7.88
CA GLY B 690 12.99 -17.13 8.86
C GLY B 690 12.30 -16.96 10.20
N ARG B 691 11.90 -18.09 10.79
CA ARG B 691 11.15 -18.07 12.05
C ARG B 691 12.02 -18.53 13.21
N PRO B 692 11.86 -17.93 14.39
CA PRO B 692 12.62 -18.41 15.56
C PRO B 692 12.22 -19.83 15.92
N SER B 693 13.19 -20.57 16.47
CA SER B 693 12.97 -21.95 16.87
C SER B 693 13.84 -22.26 18.08
N VAL B 694 13.50 -23.35 18.77
CA VAL B 694 14.23 -23.74 19.96
C VAL B 694 15.68 -24.05 19.62
N ASN B 695 15.90 -24.80 18.54
CA ASN B 695 17.25 -25.16 18.09
C ASN B 695 17.66 -24.41 16.84
N GLY B 696 16.97 -23.32 16.52
CA GLY B 696 17.25 -22.57 15.31
C GLY B 696 17.43 -21.08 15.56
N LEU B 697 16.68 -20.27 14.82
CA LEU B 697 16.82 -18.82 14.94
C LEU B 697 16.40 -18.33 16.32
N ALA B 698 17.21 -17.43 16.88
CA ALA B 698 16.82 -16.75 18.11
C ALA B 698 15.81 -15.64 17.85
N LEU B 699 15.90 -14.99 16.70
CA LEU B 699 15.01 -13.89 16.35
C LEU B 699 14.61 -14.01 14.88
N ALA B 700 13.60 -13.23 14.50
CA ALA B 700 13.06 -13.31 13.16
C ALA B 700 14.11 -12.89 12.13
N GLU B 701 13.83 -13.20 10.87
CA GLU B 701 14.73 -12.90 9.78
C GLU B 701 13.95 -12.95 8.48
N TYR B 702 14.23 -11.99 7.60
CA TYR B 702 13.54 -11.88 6.32
C TYR B 702 14.56 -11.65 5.22
N VAL B 703 14.43 -12.40 4.12
CA VAL B 703 15.40 -12.40 3.05
C VAL B 703 14.68 -12.18 1.73
N ILE B 704 15.15 -11.21 0.95
CA ILE B 704 14.74 -11.04 -0.44
C ILE B 704 15.92 -11.38 -1.34
N TYR B 705 15.60 -11.77 -2.57
CA TYR B 705 16.62 -12.19 -3.53
C TYR B 705 16.68 -11.30 -4.75
N ARG B 706 15.89 -10.23 -4.80
CA ARG B 706 15.97 -9.23 -5.85
C ARG B 706 16.16 -7.87 -5.20
N GLY B 707 17.11 -7.09 -5.71
CA GLY B 707 17.43 -5.81 -5.10
C GLY B 707 16.28 -4.83 -5.10
N GLU B 708 15.44 -4.88 -6.14
CA GLU B 708 14.35 -3.93 -6.29
C GLU B 708 13.11 -4.27 -5.44
N GLN B 709 13.22 -5.18 -4.48
CA GLN B 709 12.14 -5.49 -3.57
C GLN B 709 12.30 -4.83 -2.20
N ALA B 710 13.17 -3.83 -2.09
CA ALA B 710 13.35 -3.10 -0.84
C ALA B 710 13.86 -1.70 -1.12
N TYR B 711 13.23 -0.71 -0.50
CA TYR B 711 13.63 0.67 -0.60
C TYR B 711 13.99 1.21 0.77
N PRO B 712 15.16 1.83 0.95
CA PRO B 712 15.51 2.41 2.25
C PRO B 712 14.81 3.75 2.45
N GLU B 713 13.80 3.77 3.32
CA GLU B 713 13.00 4.97 3.51
C GLU B 713 13.60 5.90 4.56
N TYR B 714 14.06 5.35 5.68
CA TYR B 714 14.61 6.15 6.77
C TYR B 714 16.06 5.77 7.02
N LEU B 715 16.89 6.79 7.24
CA LEU B 715 18.27 6.61 7.67
C LEU B 715 18.38 7.11 9.10
N ILE B 716 18.81 6.23 10.00
CA ILE B 716 18.81 6.49 11.44
C ILE B 716 20.25 6.63 11.90
N THR B 717 20.60 7.81 12.43
CA THR B 717 21.92 8.08 12.96
C THR B 717 21.83 8.12 14.48
N TYR B 718 22.66 7.31 15.14
CA TYR B 718 22.43 7.01 16.56
C TYR B 718 23.73 6.57 17.21
N GLN B 719 23.67 6.42 18.54
CA GLN B 719 24.75 5.85 19.35
C GLN B 719 24.18 4.83 20.32
N ILE B 720 24.90 3.72 20.50
CA ILE B 720 24.55 2.78 21.56
C ILE B 720 24.92 3.41 22.91
N MET B 721 24.13 3.06 23.93
CA MET B 721 24.37 3.57 25.28
C MET B 721 24.71 2.43 26.24
#